data_3MRG
#
_entry.id   3MRG
#
_cell.length_a   53.120
_cell.length_b   80.870
_cell.length_c   56.200
_cell.angle_alpha   90.000
_cell.angle_beta   112.330
_cell.angle_gamma   90.000
#
_symmetry.space_group_name_H-M   'P 1 21 1'
#
loop_
_entity.id
_entity.type
_entity.pdbx_description
1 polymer 'HLA class I histocompatibility antigen, A-2 alpha chain'
2 polymer Beta-2-microglobulin
3 polymer '9-meric peptide from Serine protease/NTPase/helicase NS3'
4 non-polymer 'CITRIC ACID'
5 water water
#
loop_
_entity_poly.entity_id
_entity_poly.type
_entity_poly.pdbx_seq_one_letter_code
_entity_poly.pdbx_strand_id
1 'polypeptide(L)'
;GSHSMRYFFTSVSRPGRGEPRFIAVGYVDDTQFVRFDSDAASQRMEPRAPWIEQEGPEYWDGETRKVKAHSQTHRVDLGT
LRGYYNQSEAGSHTVQRMYGCDVGSDWRFLRGYHQYAYDGKDYIALKEDLRSWTAADMAAQTTKHKWEAAHVAEQLRAYL
EGTCVEWLRRYLENGKETLQRTDAPKTHMTHHAVSDHEATLRCWALSFYPAEITLTWQRDGEDQTQDTELVETRPAGDGT
FQKWVAVVVPSGQEQRYTCHVQHEGLPKPLTLRWEPGSLHHILDAQKMVWNHR
;
A
2 'polypeptide(L)'
;MIQRTPKIQVYSRHPAENGKSNFLNCYVSGFHPSDIEVDLLKNGERIEKVEHSDLSFSKDWSFYLLYYTEFTPTEKDEYA
CRVNHVTLSQPKIVKWDRDM
;
B
3 'polypeptide(L)' CINGVCWTV P
#
# COMPACT_ATOMS: atom_id res chain seq x y z
N GLY A 1 19.12 -0.74 -8.37
CA GLY A 1 18.50 -0.69 -7.03
C GLY A 1 17.85 -2.02 -6.69
N SER A 2 17.38 -2.12 -5.46
CA SER A 2 16.75 -3.33 -4.96
C SER A 2 15.33 -3.51 -5.52
N HIS A 3 14.84 -4.73 -5.44
CA HIS A 3 13.50 -5.07 -5.92
C HIS A 3 12.85 -6.08 -4.97
N SER A 4 11.55 -6.26 -5.11
CA SER A 4 10.81 -7.17 -4.26
C SER A 4 9.62 -7.74 -4.99
N MET A 5 9.16 -8.91 -4.54
CA MET A 5 7.86 -9.44 -4.95
C MET A 5 7.11 -9.79 -3.68
N ARG A 6 5.87 -9.34 -3.56
CA ARG A 6 5.10 -9.59 -2.35
CA ARG A 6 5.09 -9.56 -2.36
C ARG A 6 3.66 -9.92 -2.68
N TYR A 7 3.10 -10.84 -1.91
CA TYR A 7 1.70 -11.19 -2.04
C TYR A 7 1.01 -10.90 -0.73
N PHE A 8 -0.19 -10.30 -0.81
CA PHE A 8 -0.99 -9.92 0.34
C PHE A 8 -2.33 -10.62 0.23
N PHE A 9 -2.80 -11.20 1.33
CA PHE A 9 -4.08 -11.93 1.35
C PHE A 9 -4.88 -11.48 2.55
N THR A 10 -6.16 -11.15 2.34
CA THR A 10 -7.06 -10.76 3.42
CA THR A 10 -7.03 -10.82 3.45
C THR A 10 -8.32 -11.59 3.33
N SER A 11 -8.74 -12.19 4.44
CA SER A 11 -10.04 -12.88 4.51
C SER A 11 -10.84 -12.30 5.65
N VAL A 12 -12.12 -12.00 5.40
CA VAL A 12 -12.99 -11.41 6.41
C VAL A 12 -14.22 -12.29 6.51
N SER A 13 -14.47 -12.86 7.69
CA SER A 13 -15.62 -13.76 7.80
C SER A 13 -16.94 -13.03 7.68
N ARG A 14 -17.93 -13.79 7.21
CA ARG A 14 -19.29 -13.29 7.02
C ARG A 14 -20.26 -14.12 7.85
N PRO A 15 -20.48 -13.70 9.11
CA PRO A 15 -21.34 -14.50 9.98
C PRO A 15 -22.74 -14.64 9.42
N GLY A 16 -23.29 -15.83 9.56
CA GLY A 16 -24.68 -16.04 9.18
C GLY A 16 -24.88 -16.77 7.85
N ARG A 17 -23.96 -16.62 6.91
CA ARG A 17 -24.06 -17.35 5.65
C ARG A 17 -22.78 -17.32 4.85
N GLY A 18 -22.27 -18.50 4.51
CA GLY A 18 -21.26 -18.63 3.47
C GLY A 18 -19.83 -18.36 3.90
N GLU A 19 -18.94 -18.38 2.91
CA GLU A 19 -17.50 -18.29 3.14
C GLU A 19 -17.05 -16.83 3.24
N PRO A 20 -15.83 -16.60 3.75
CA PRO A 20 -15.31 -15.26 3.92
C PRO A 20 -15.13 -14.52 2.59
N ARG A 21 -15.11 -13.19 2.67
CA ARG A 21 -14.65 -12.36 1.57
C ARG A 21 -13.13 -12.50 1.50
N PHE A 22 -12.59 -12.92 0.37
CA PHE A 22 -11.14 -13.13 0.22
C PHE A 22 -10.61 -12.25 -0.90
N ILE A 23 -9.56 -11.48 -0.59
CA ILE A 23 -8.90 -10.65 -1.60
CA ILE A 23 -8.89 -10.61 -1.56
C ILE A 23 -7.40 -10.88 -1.54
N ALA A 24 -6.84 -11.22 -2.69
CA ALA A 24 -5.39 -11.44 -2.85
C ALA A 24 -4.85 -10.44 -3.86
N VAL A 25 -3.68 -9.87 -3.57
CA VAL A 25 -3.02 -8.98 -4.53
CA VAL A 25 -3.03 -8.92 -4.47
C VAL A 25 -1.54 -9.29 -4.55
N GLY A 26 -0.95 -9.20 -5.73
CA GLY A 26 0.51 -9.37 -5.87
C GLY A 26 1.15 -8.13 -6.43
N TYR A 27 2.33 -7.82 -5.89
CA TYR A 27 3.14 -6.66 -6.30
C TYR A 27 4.55 -7.05 -6.70
N VAL A 28 5.07 -6.39 -7.71
CA VAL A 28 6.51 -6.33 -7.95
CA VAL A 28 6.51 -6.33 -7.90
C VAL A 28 6.87 -4.87 -7.61
N ASP A 29 7.76 -4.70 -6.63
CA ASP A 29 8.11 -3.38 -6.14
C ASP A 29 6.81 -2.68 -5.79
N ASP A 30 6.58 -1.48 -6.32
CA ASP A 30 5.36 -0.74 -6.00
C ASP A 30 4.28 -0.87 -7.05
N THR A 31 4.36 -1.93 -7.86
CA THR A 31 3.44 -2.13 -8.99
CA THR A 31 3.39 -2.09 -8.91
C THR A 31 2.55 -3.34 -8.74
N GLN A 32 1.24 -3.16 -8.60
CA GLN A 32 0.33 -4.30 -8.50
CA GLN A 32 0.31 -4.29 -8.51
C GLN A 32 0.26 -4.99 -9.86
N PHE A 33 0.33 -6.32 -9.88
CA PHE A 33 0.31 -7.01 -11.17
C PHE A 33 -0.75 -8.11 -11.28
N VAL A 34 -1.27 -8.61 -10.16
CA VAL A 34 -2.33 -9.61 -10.20
C VAL A 34 -3.28 -9.37 -9.04
N ARG A 35 -4.50 -9.85 -9.18
CA ARG A 35 -5.48 -9.83 -8.08
C ARG A 35 -6.42 -11.01 -8.20
N PHE A 36 -6.99 -11.38 -7.05
CA PHE A 36 -8.12 -12.30 -7.01
C PHE A 36 -9.09 -11.70 -6.00
N ASP A 37 -10.37 -11.62 -6.37
CA ASP A 37 -11.41 -11.12 -5.45
C ASP A 37 -12.55 -12.10 -5.46
N SER A 38 -12.83 -12.73 -4.33
CA SER A 38 -13.88 -13.73 -4.27
C SER A 38 -15.27 -13.20 -4.64
N ASP A 39 -15.51 -11.91 -4.50
CA ASP A 39 -16.80 -11.31 -4.89
C ASP A 39 -16.92 -11.01 -6.40
N ALA A 40 -15.82 -11.12 -7.13
CA ALA A 40 -15.83 -10.86 -8.57
C ALA A 40 -16.35 -12.09 -9.33
N ALA A 41 -16.84 -11.84 -10.55
CA ALA A 41 -17.52 -12.87 -11.31
C ALA A 41 -16.63 -13.94 -11.92
N SER A 42 -15.39 -13.61 -12.28
CA SER A 42 -14.58 -14.55 -13.06
C SER A 42 -14.12 -15.76 -12.26
N GLN A 43 -13.87 -15.56 -10.97
CA GLN A 43 -13.21 -16.59 -10.15
C GLN A 43 -11.87 -17.07 -10.72
N ARG A 44 -11.14 -16.11 -11.28
CA ARG A 44 -9.80 -16.36 -11.81
C ARG A 44 -8.83 -15.36 -11.21
N MET A 45 -7.57 -15.75 -11.06
CA MET A 45 -6.53 -14.72 -10.87
C MET A 45 -6.53 -13.85 -12.12
N GLU A 46 -6.51 -12.53 -11.93
CA GLU A 46 -6.62 -11.62 -13.06
CA GLU A 46 -6.67 -11.56 -13.03
C GLU A 46 -5.40 -10.69 -13.17
N PRO A 47 -5.02 -10.32 -14.40
CA PRO A 47 -3.86 -9.44 -14.62
C PRO A 47 -4.19 -8.00 -14.27
N ARG A 48 -3.22 -7.28 -13.73
CA ARG A 48 -3.34 -5.87 -13.41
C ARG A 48 -2.17 -5.04 -13.93
N ALA A 49 -1.27 -5.66 -14.68
CA ALA A 49 -0.21 -4.92 -15.37
C ALA A 49 -0.03 -5.52 -16.75
N PRO A 50 0.29 -4.68 -17.77
CA PRO A 50 0.34 -5.21 -19.13
C PRO A 50 1.37 -6.31 -19.31
N TRP A 51 2.50 -6.22 -18.62
CA TRP A 51 3.57 -7.20 -18.83
C TRP A 51 3.28 -8.61 -18.30
N ILE A 52 2.27 -8.75 -17.43
CA ILE A 52 1.92 -10.09 -16.95
C ILE A 52 0.98 -10.78 -17.95
N GLU A 53 0.36 -9.99 -18.82
CA GLU A 53 -0.50 -10.56 -19.86
C GLU A 53 0.29 -11.42 -20.87
N GLN A 54 1.61 -11.29 -20.84
CA GLN A 54 2.52 -12.16 -21.61
C GLN A 54 2.44 -13.63 -21.20
N GLU A 55 2.02 -13.90 -19.97
CA GLU A 55 1.95 -15.28 -19.49
C GLU A 55 0.79 -16.04 -20.13
N GLY A 56 1.02 -17.31 -20.42
CA GLY A 56 0.02 -18.15 -21.10
C GLY A 56 -1.08 -18.70 -20.21
N PRO A 57 -2.07 -19.38 -20.82
CA PRO A 57 -3.22 -19.87 -20.07
C PRO A 57 -2.82 -20.83 -18.94
N GLU A 58 -1.71 -21.54 -19.11
CA GLU A 58 -1.18 -22.44 -18.09
C GLU A 58 -0.79 -21.69 -16.80
N TYR A 59 -0.27 -20.48 -16.98
CA TYR A 59 0.08 -19.65 -15.83
C TYR A 59 -1.18 -19.26 -15.10
N TRP A 60 -2.18 -18.81 -15.84
CA TRP A 60 -3.43 -18.36 -15.22
C TRP A 60 -4.17 -19.51 -14.55
N ASP A 61 -4.19 -20.69 -15.17
CA ASP A 61 -4.77 -21.88 -14.53
C ASP A 61 -4.07 -22.19 -13.21
N GLY A 62 -2.74 -22.13 -13.21
CA GLY A 62 -1.98 -22.42 -11.99
C GLY A 62 -2.18 -21.43 -10.87
N GLU A 63 -2.09 -20.14 -11.21
CA GLU A 63 -2.27 -19.11 -10.19
C GLU A 63 -3.68 -19.16 -9.64
N THR A 64 -4.66 -19.48 -10.48
CA THR A 64 -6.05 -19.57 -10.04
C THR A 64 -6.22 -20.75 -9.07
N ARG A 65 -5.69 -21.91 -9.42
CA ARG A 65 -5.77 -23.06 -8.53
CA ARG A 65 -5.75 -23.07 -8.56
CA ARG A 65 -5.74 -23.07 -8.55
CA ARG A 65 -5.74 -23.07 -8.54
C ARG A 65 -5.11 -22.76 -7.18
N LYS A 66 -3.90 -22.20 -7.20
CA LYS A 66 -3.21 -21.93 -5.96
C LYS A 66 -3.89 -20.86 -5.12
N VAL A 67 -4.42 -19.82 -5.75
CA VAL A 67 -5.02 -18.75 -4.96
C VAL A 67 -6.36 -19.22 -4.37
N LYS A 68 -7.10 -20.08 -5.07
CA LYS A 68 -8.29 -20.68 -4.48
C LYS A 68 -7.94 -21.55 -3.27
N ALA A 69 -6.83 -22.27 -3.36
CA ALA A 69 -6.37 -23.03 -2.21
C ALA A 69 -6.03 -22.13 -1.03
N HIS A 70 -5.39 -20.99 -1.29
CA HIS A 70 -5.12 -20.03 -0.23
C HIS A 70 -6.45 -19.60 0.43
N SER A 71 -7.48 -19.35 -0.37
CA SER A 71 -8.74 -18.91 0.20
CA SER A 71 -8.76 -18.94 0.18
C SER A 71 -9.32 -19.99 1.13
N GLN A 72 -9.20 -21.26 0.74
CA GLN A 72 -9.70 -22.34 1.59
C GLN A 72 -8.90 -22.48 2.87
N THR A 73 -7.60 -22.29 2.81
CA THR A 73 -6.78 -22.31 4.02
C THR A 73 -7.26 -21.24 4.98
N HIS A 74 -7.49 -20.04 4.48
CA HIS A 74 -7.98 -18.98 5.36
C HIS A 74 -9.37 -19.23 5.90
N ARG A 75 -10.25 -19.86 5.11
CA ARG A 75 -11.57 -20.22 5.62
C ARG A 75 -11.42 -21.12 6.85
N VAL A 76 -10.58 -22.15 6.73
CA VAL A 76 -10.36 -23.08 7.83
C VAL A 76 -9.73 -22.33 9.01
N ASP A 77 -8.74 -21.48 8.73
CA ASP A 77 -8.06 -20.73 9.78
C ASP A 77 -9.01 -19.89 10.60
N LEU A 78 -9.94 -19.20 9.94
CA LEU A 78 -10.90 -18.36 10.67
C LEU A 78 -11.66 -19.20 11.69
N GLY A 79 -12.03 -20.42 11.30
CA GLY A 79 -12.75 -21.29 12.25
C GLY A 79 -11.82 -21.76 13.37
N THR A 80 -10.60 -22.15 13.02
CA THR A 80 -9.65 -22.60 14.03
C THR A 80 -9.37 -21.51 15.06
N LEU A 81 -9.19 -20.28 14.57
CA LEU A 81 -8.82 -19.16 15.41
C LEU A 81 -9.97 -18.76 16.31
N ARG A 82 -11.20 -18.84 15.81
CA ARG A 82 -12.35 -18.55 16.64
C ARG A 82 -12.37 -19.52 17.82
N GLY A 83 -11.98 -20.78 17.58
CA GLY A 83 -11.87 -21.80 18.63
C GLY A 83 -10.74 -21.53 19.61
N TYR A 84 -9.55 -21.22 19.09
CA TYR A 84 -8.39 -20.92 19.95
C TYR A 84 -8.68 -19.76 20.89
N TYR A 85 -9.38 -18.74 20.39
CA TYR A 85 -9.64 -17.52 21.16
C TYR A 85 -11.01 -17.53 21.85
N ASN A 86 -11.68 -18.67 21.81
CA ASN A 86 -12.98 -18.85 22.46
C ASN A 86 -14.00 -17.78 22.08
N GLN A 87 -14.09 -17.48 20.79
CA GLN A 87 -14.99 -16.45 20.32
C GLN A 87 -16.30 -17.03 19.77
N SER A 88 -17.33 -16.21 19.76
CA SER A 88 -18.64 -16.65 19.27
C SER A 88 -18.71 -16.59 17.75
N GLU A 89 -19.82 -17.10 17.20
CA GLU A 89 -20.07 -17.08 15.78
C GLU A 89 -20.70 -15.76 15.32
N ALA A 90 -20.92 -14.86 16.26
CA ALA A 90 -21.65 -13.64 15.96
C ALA A 90 -20.87 -12.58 15.17
N GLY A 91 -19.60 -12.42 15.50
CA GLY A 91 -18.80 -11.33 14.94
C GLY A 91 -17.99 -11.68 13.71
N SER A 92 -17.66 -10.66 12.93
CA SER A 92 -16.76 -10.84 11.80
C SER A 92 -15.32 -10.74 12.29
N HIS A 93 -14.45 -11.59 11.74
CA HIS A 93 -13.03 -11.55 12.08
C HIS A 93 -12.20 -11.54 10.82
N THR A 94 -10.95 -11.18 10.98
CA THR A 94 -10.05 -10.97 9.84
C THR A 94 -8.77 -11.78 10.01
N VAL A 95 -8.32 -12.41 8.92
CA VAL A 95 -6.97 -12.92 8.84
C VAL A 95 -6.25 -12.23 7.71
N GLN A 96 -4.98 -11.93 7.93
CA GLN A 96 -4.11 -11.32 6.95
C GLN A 96 -2.83 -12.10 6.85
N ARG A 97 -2.34 -12.33 5.63
CA ARG A 97 -1.10 -13.05 5.43
C ARG A 97 -0.30 -12.28 4.38
N MET A 98 1.00 -12.11 4.57
CA MET A 98 1.86 -11.48 3.56
CA MET A 98 1.85 -11.52 3.53
C MET A 98 3.12 -12.31 3.45
N TYR A 99 3.61 -12.52 2.25
CA TYR A 99 4.90 -13.17 2.07
C TYR A 99 5.56 -12.68 0.84
N GLY A 100 6.88 -12.92 0.74
CA GLY A 100 7.59 -12.53 -0.45
C GLY A 100 9.08 -12.43 -0.23
N CYS A 101 9.76 -11.89 -1.24
CA CYS A 101 11.22 -11.88 -1.28
CA CYS A 101 11.21 -11.83 -1.20
C CYS A 101 11.74 -10.52 -1.71
N ASP A 102 12.89 -10.13 -1.15
CA ASP A 102 13.65 -8.94 -1.58
C ASP A 102 14.92 -9.41 -2.25
N VAL A 103 15.32 -8.71 -3.30
CA VAL A 103 16.62 -8.93 -3.94
C VAL A 103 17.36 -7.61 -4.02
N GLY A 104 18.68 -7.68 -4.05
CA GLY A 104 19.50 -6.48 -4.18
C GLY A 104 19.64 -6.03 -5.62
N SER A 105 20.53 -5.06 -5.84
CA SER A 105 20.75 -4.50 -7.16
CA SER A 105 20.69 -4.51 -7.18
C SER A 105 21.25 -5.54 -8.17
N ASP A 106 21.89 -6.59 -7.64
CA ASP A 106 22.38 -7.70 -8.48
C ASP A 106 21.30 -8.75 -8.71
N TRP A 107 20.09 -8.48 -8.22
CA TRP A 107 18.92 -9.36 -8.30
C TRP A 107 19.09 -10.68 -7.56
N ARG A 108 20.09 -10.76 -6.68
CA ARG A 108 20.29 -11.94 -5.84
C ARG A 108 19.47 -11.82 -4.55
N PHE A 109 19.08 -12.96 -4.01
CA PHE A 109 18.28 -13.01 -2.80
C PHE A 109 18.90 -12.23 -1.66
N LEU A 110 18.09 -11.39 -1.01
CA LEU A 110 18.51 -10.65 0.17
CA LEU A 110 18.52 -10.65 0.15
C LEU A 110 17.76 -11.10 1.41
N ARG A 111 16.44 -11.17 1.31
CA ARG A 111 15.55 -11.36 2.46
CA ARG A 111 15.60 -11.50 2.46
C ARG A 111 14.27 -12.07 2.01
N GLY A 112 13.70 -12.90 2.89
CA GLY A 112 12.36 -13.47 2.68
C GLY A 112 11.51 -13.19 3.89
N TYR A 113 10.18 -13.25 3.70
CA TYR A 113 9.17 -12.87 4.71
CA TYR A 113 9.31 -13.05 4.84
C TYR A 113 7.98 -13.78 4.60
N HIS A 114 7.36 -14.15 5.71
CA HIS A 114 6.07 -14.82 5.68
C HIS A 114 5.43 -14.57 7.04
N GLN A 115 4.42 -13.71 7.09
CA GLN A 115 3.83 -13.36 8.37
C GLN A 115 2.32 -13.30 8.33
N TYR A 116 1.71 -13.44 9.50
CA TYR A 116 0.29 -13.70 9.60
C TYR A 116 -0.24 -12.91 10.80
N ALA A 117 -1.45 -12.37 10.64
CA ALA A 117 -2.14 -11.62 11.69
C ALA A 117 -3.58 -12.03 11.80
N TYR A 118 -4.09 -12.01 13.02
CA TYR A 118 -5.50 -12.27 13.29
C TYR A 118 -6.10 -11.04 13.94
N ASP A 119 -7.19 -10.54 13.37
CA ASP A 119 -7.83 -9.31 13.85
C ASP A 119 -6.85 -8.16 14.03
N GLY A 120 -5.92 -8.06 13.09
CA GLY A 120 -4.99 -6.93 13.05
C GLY A 120 -3.82 -7.01 14.00
N LYS A 121 -3.71 -8.13 14.72
CA LYS A 121 -2.65 -8.36 15.73
C LYS A 121 -1.64 -9.39 15.21
N ASP A 122 -0.35 -9.18 15.48
CA ASP A 122 0.63 -10.21 15.13
C ASP A 122 0.20 -11.55 15.67
N TYR A 123 0.34 -12.58 14.84
CA TYR A 123 -0.01 -13.93 15.23
C TYR A 123 1.27 -14.78 15.13
N ILE A 124 1.75 -15.08 13.93
CA ILE A 124 2.98 -15.84 13.77
C ILE A 124 3.74 -15.31 12.55
N ALA A 125 5.06 -15.31 12.62
CA ALA A 125 5.91 -14.80 11.54
C ALA A 125 7.16 -15.63 11.43
N LEU A 126 7.62 -15.84 10.21
CA LEU A 126 8.89 -16.51 9.99
C LEU A 126 10.01 -15.55 10.33
N LYS A 127 11.03 -16.03 11.04
CA LYS A 127 12.16 -15.17 11.36
C LYS A 127 13.06 -14.99 10.15
N GLU A 128 14.00 -14.05 10.26
CA GLU A 128 14.84 -13.67 9.13
C GLU A 128 15.64 -14.83 8.57
N ASP A 129 16.02 -15.77 9.43
CA ASP A 129 16.79 -16.92 8.99
C ASP A 129 15.96 -17.92 8.17
N LEU A 130 14.65 -17.71 8.13
CA LEU A 130 13.72 -18.59 7.41
C LEU A 130 13.70 -20.03 7.96
N ARG A 131 14.10 -20.18 9.21
CA ARG A 131 14.23 -21.51 9.79
C ARG A 131 13.39 -21.70 11.04
N SER A 132 12.89 -20.62 11.61
CA SER A 132 12.07 -20.75 12.82
C SER A 132 11.07 -19.61 12.90
N TRP A 133 10.29 -19.60 13.98
CA TRP A 133 9.03 -18.82 14.04
C TRP A 133 8.95 -17.93 15.26
N THR A 134 8.34 -16.76 15.09
CA THR A 134 7.97 -15.89 16.21
C THR A 134 6.48 -16.01 16.42
N ALA A 135 6.08 -16.60 17.54
CA ALA A 135 4.66 -16.75 17.91
C ALA A 135 4.33 -15.76 19.01
N ALA A 136 3.30 -14.94 18.82
CA ALA A 136 3.06 -13.84 19.77
C ALA A 136 2.38 -14.26 21.08
N ASP A 137 1.62 -15.33 21.05
CA ASP A 137 0.83 -15.75 22.21
C ASP A 137 0.65 -17.26 22.18
N MET A 138 -0.10 -17.81 23.13
CA MET A 138 -0.19 -19.26 23.25
C MET A 138 -0.98 -19.92 22.12
N ALA A 139 -1.93 -19.22 21.52
CA ALA A 139 -2.62 -19.78 20.35
C ALA A 139 -1.60 -19.94 19.22
N ALA A 140 -0.86 -18.87 18.95
CA ALA A 140 0.15 -18.94 17.93
C ALA A 140 1.25 -19.96 18.25
N GLN A 141 1.51 -20.22 19.54
CA GLN A 141 2.50 -21.23 19.89
CA GLN A 141 2.47 -21.23 19.94
C GLN A 141 2.00 -22.62 19.53
N THR A 142 0.69 -22.86 19.65
CA THR A 142 0.12 -24.12 19.18
CA THR A 142 0.10 -24.12 19.16
C THR A 142 0.32 -24.25 17.65
N THR A 143 0.09 -23.17 16.91
CA THR A 143 0.38 -23.18 15.46
C THR A 143 1.88 -23.44 15.20
N LYS A 144 2.75 -22.79 15.96
CA LYS A 144 4.18 -22.99 15.80
C LYS A 144 4.54 -24.45 15.95
N HIS A 145 4.01 -25.14 16.97
CA HIS A 145 4.34 -26.57 17.12
C HIS A 145 3.86 -27.36 15.90
N LYS A 146 2.66 -27.06 15.42
CA LYS A 146 2.11 -27.76 14.26
CA LYS A 146 2.09 -27.73 14.25
C LYS A 146 2.99 -27.54 13.04
N TRP A 147 3.43 -26.31 12.85
CA TRP A 147 4.23 -25.97 11.67
C TRP A 147 5.66 -26.51 11.75
N GLU A 148 6.21 -26.62 12.95
CA GLU A 148 7.49 -27.27 13.16
C GLU A 148 7.37 -28.75 12.80
N ALA A 149 6.32 -29.42 13.28
CA ALA A 149 6.18 -30.85 13.02
C ALA A 149 6.03 -31.12 11.52
N ALA A 150 5.41 -30.17 10.80
CA ALA A 150 5.10 -30.35 9.38
C ALA A 150 6.19 -29.75 8.48
N HIS A 151 7.25 -29.21 9.07
CA HIS A 151 8.40 -28.68 8.32
C HIS A 151 7.98 -27.58 7.35
N VAL A 152 7.09 -26.72 7.83
CA VAL A 152 6.57 -25.63 7.02
C VAL A 152 7.69 -24.66 6.66
N ALA A 153 8.55 -24.32 7.61
CA ALA A 153 9.61 -23.33 7.34
C ALA A 153 10.49 -23.81 6.19
N GLU A 154 10.75 -25.11 6.14
CA GLU A 154 11.62 -25.63 5.09
C GLU A 154 10.98 -25.43 3.71
N GLN A 155 9.67 -25.67 3.63
CA GLN A 155 8.95 -25.48 2.37
C GLN A 155 8.95 -24.01 1.98
N LEU A 156 8.70 -23.14 2.94
CA LEU A 156 8.68 -21.71 2.65
C LEU A 156 10.05 -21.20 2.26
N ARG A 157 11.10 -21.65 2.95
CA ARG A 157 12.44 -21.19 2.60
CA ARG A 157 12.45 -21.21 2.60
C ARG A 157 12.79 -21.56 1.16
N ALA A 158 12.43 -22.77 0.73
CA ALA A 158 12.73 -23.19 -0.63
C ALA A 158 11.98 -22.31 -1.63
N TYR A 159 10.72 -21.97 -1.33
CA TYR A 159 9.95 -21.09 -2.18
C TYR A 159 10.56 -19.68 -2.21
N LEU A 160 10.88 -19.13 -1.06
CA LEU A 160 11.32 -17.74 -0.96
C LEU A 160 12.68 -17.52 -1.60
N GLU A 161 13.58 -18.49 -1.44
CA GLU A 161 14.95 -18.36 -1.98
C GLU A 161 15.02 -18.85 -3.41
N GLY A 162 14.01 -19.60 -3.82
CA GLY A 162 14.02 -20.20 -5.15
C GLY A 162 13.00 -19.58 -6.09
N THR A 163 11.82 -20.20 -6.15
CA THR A 163 10.73 -19.76 -7.01
C THR A 163 10.48 -18.25 -6.95
N CYS A 164 10.42 -17.69 -5.76
CA CYS A 164 10.08 -16.28 -5.59
CA CYS A 164 10.08 -16.29 -5.61
C CYS A 164 11.09 -15.39 -6.32
N VAL A 165 12.38 -15.66 -6.08
CA VAL A 165 13.39 -14.81 -6.71
CA VAL A 165 13.49 -14.91 -6.70
C VAL A 165 13.51 -15.11 -8.21
N GLU A 166 13.30 -16.36 -8.62
CA GLU A 166 13.34 -16.71 -10.03
C GLU A 166 12.23 -16.01 -10.82
N TRP A 167 11.00 -16.01 -10.31
CA TRP A 167 9.90 -15.37 -11.00
C TRP A 167 9.99 -13.85 -10.90
N LEU A 168 10.49 -13.31 -9.79
CA LEU A 168 10.74 -11.87 -9.74
C LEU A 168 11.67 -11.46 -10.89
N ARG A 169 12.78 -12.16 -11.07
CA ARG A 169 13.71 -11.87 -12.16
CA ARG A 169 13.69 -11.86 -12.17
CA ARG A 169 13.70 -11.87 -12.17
C ARG A 169 12.99 -11.93 -13.52
N ARG A 170 12.17 -12.95 -13.72
CA ARG A 170 11.43 -13.08 -14.96
C ARG A 170 10.53 -11.86 -15.21
N TYR A 171 9.77 -11.48 -14.20
CA TYR A 171 8.90 -10.31 -14.31
C TYR A 171 9.70 -9.02 -14.58
N LEU A 172 10.80 -8.81 -13.86
CA LEU A 172 11.64 -7.62 -14.06
C LEU A 172 12.12 -7.53 -15.51
N GLU A 173 12.45 -8.67 -16.10
CA GLU A 173 12.88 -8.70 -17.50
C GLU A 173 11.70 -8.44 -18.44
N ASN A 174 10.61 -9.16 -18.26
CA ASN A 174 9.46 -9.02 -19.12
C ASN A 174 8.83 -7.63 -19.08
N GLY A 175 8.84 -7.02 -17.90
CA GLY A 175 8.21 -5.70 -17.71
C GLY A 175 9.24 -4.59 -17.66
N LYS A 176 10.43 -4.83 -18.22
CA LYS A 176 11.53 -3.88 -18.12
C LYS A 176 11.21 -2.43 -18.47
N GLU A 177 10.38 -2.21 -19.48
CA GLU A 177 10.08 -0.85 -19.94
C GLU A 177 9.54 0.05 -18.84
N THR A 178 8.77 -0.54 -17.93
CA THR A 178 8.30 0.20 -16.76
C THR A 178 8.96 -0.24 -15.45
N LEU A 179 9.11 -1.55 -15.22
CA LEU A 179 9.62 -2.01 -13.93
C LEU A 179 11.06 -1.60 -13.66
N GLN A 180 11.87 -1.48 -14.72
CA GLN A 180 13.26 -1.09 -14.54
C GLN A 180 13.48 0.41 -14.80
N ARG A 181 12.41 1.15 -15.01
CA ARG A 181 12.53 2.59 -15.26
C ARG A 181 12.27 3.30 -13.95
N THR A 182 13.09 4.29 -13.64
CA THR A 182 12.81 5.16 -12.50
C THR A 182 12.23 6.47 -13.00
N ASP A 183 11.23 6.96 -12.27
CA ASP A 183 10.62 8.24 -12.60
C ASP A 183 10.99 9.20 -11.47
N ALA A 184 11.87 10.15 -11.78
CA ALA A 184 12.31 11.12 -10.79
C ALA A 184 11.17 12.02 -10.37
N PRO A 185 11.16 12.44 -9.11
CA PRO A 185 10.11 13.36 -8.70
C PRO A 185 10.15 14.68 -9.46
N LYS A 186 8.96 15.16 -9.78
CA LYS A 186 8.78 16.49 -10.34
CA LYS A 186 8.77 16.48 -10.35
C LYS A 186 8.43 17.39 -9.16
N THR A 187 9.25 18.40 -8.92
CA THR A 187 9.14 19.18 -7.69
C THR A 187 8.76 20.64 -7.94
N HIS A 188 8.08 21.23 -6.96
CA HIS A 188 7.80 22.65 -6.95
C HIS A 188 7.48 23.05 -5.52
N MET A 189 7.40 24.36 -5.29
CA MET A 189 7.10 24.87 -3.97
CA MET A 189 7.13 24.93 -3.98
C MET A 189 5.87 25.78 -4.03
N THR A 190 5.03 25.70 -3.00
CA THR A 190 3.93 26.64 -2.88
C THR A 190 4.10 27.43 -1.59
N HIS A 191 3.40 28.56 -1.51
CA HIS A 191 3.53 29.51 -0.41
C HIS A 191 2.13 29.96 0.03
N HIS A 192 1.90 30.06 1.33
CA HIS A 192 0.62 30.54 1.85
C HIS A 192 0.91 31.46 3.02
N ALA A 193 0.15 32.54 3.15
CA ALA A 193 0.22 33.40 4.34
C ALA A 193 -0.96 33.14 5.28
N VAL A 194 -0.69 32.79 6.54
CA VAL A 194 -1.79 32.59 7.48
C VAL A 194 -2.13 33.89 8.22
N SER A 195 -1.11 34.72 8.39
CA SER A 195 -1.23 35.98 9.10
C SER A 195 -0.16 36.89 8.50
N ASP A 196 -0.03 38.11 9.00
CA ASP A 196 0.97 39.03 8.48
C ASP A 196 2.38 38.66 8.92
N HIS A 197 2.49 37.69 9.82
CA HIS A 197 3.81 37.35 10.33
C HIS A 197 4.22 35.88 10.13
N GLU A 198 3.29 35.02 9.72
CA GLU A 198 3.55 33.58 9.59
C GLU A 198 3.21 33.14 8.17
N ALA A 199 4.14 32.45 7.52
CA ALA A 199 3.89 31.82 6.22
C ALA A 199 4.17 30.32 6.24
N THR A 200 3.58 29.60 5.29
CA THR A 200 3.80 28.19 5.08
C THR A 200 4.46 27.98 3.72
N LEU A 201 5.56 27.24 3.70
CA LEU A 201 6.18 26.77 2.45
C LEU A 201 5.91 25.28 2.35
N ARG A 202 5.45 24.84 1.18
CA ARG A 202 5.16 23.44 0.96
C ARG A 202 5.94 22.96 -0.25
N CYS A 203 6.78 21.96 -0.01
CA CYS A 203 7.62 21.39 -1.03
C CYS A 203 6.99 20.11 -1.52
N TRP A 204 6.69 20.11 -2.82
CA TRP A 204 5.95 19.03 -3.49
C TRP A 204 6.86 18.13 -4.30
N ALA A 205 6.58 16.84 -4.22
CA ALA A 205 7.18 15.83 -5.12
C ALA A 205 6.04 15.06 -5.78
N LEU A 206 6.02 15.05 -7.10
CA LEU A 206 4.95 14.40 -7.85
C LEU A 206 5.53 13.45 -8.88
N SER A 207 4.71 12.51 -9.31
CA SER A 207 5.04 11.71 -10.50
CA SER A 207 5.00 11.67 -10.47
C SER A 207 6.26 10.80 -10.34
N PHE A 208 6.54 10.34 -9.12
CA PHE A 208 7.76 9.55 -8.93
C PHE A 208 7.49 8.04 -8.79
N TYR A 209 8.52 7.27 -9.10
CA TYR A 209 8.49 5.80 -9.01
C TYR A 209 9.93 5.34 -8.92
N PRO A 210 10.27 4.46 -7.95
CA PRO A 210 9.40 3.83 -6.95
C PRO A 210 8.96 4.79 -5.84
N ALA A 211 8.19 4.27 -4.89
CA ALA A 211 7.56 5.12 -3.87
C ALA A 211 8.54 5.67 -2.84
N GLU A 212 9.65 4.98 -2.61
CA GLU A 212 10.63 5.41 -1.62
CA GLU A 212 10.63 5.41 -1.62
C GLU A 212 11.18 6.79 -1.96
N ILE A 213 11.17 7.71 -0.98
CA ILE A 213 11.64 9.07 -1.22
C ILE A 213 11.92 9.71 0.13
N THR A 214 12.82 10.69 0.13
CA THR A 214 12.99 11.49 1.33
CA THR A 214 13.11 11.49 1.32
C THR A 214 12.97 12.98 1.01
N LEU A 215 12.17 13.68 1.81
CA LEU A 215 11.95 15.13 1.66
C LEU A 215 12.25 15.75 3.00
N THR A 216 13.16 16.71 3.01
CA THR A 216 13.55 17.34 4.27
C THR A 216 13.73 18.83 4.07
N TRP A 217 13.64 19.57 5.17
CA TRP A 217 13.89 21.02 5.17
C TRP A 217 15.18 21.33 5.89
N GLN A 218 15.83 22.39 5.44
CA GLN A 218 16.94 22.99 6.18
C GLN A 218 16.68 24.46 6.36
N ARG A 219 17.19 24.99 7.47
CA ARG A 219 17.18 26.43 7.76
C ARG A 219 18.64 26.85 7.91
N ASP A 220 19.05 27.80 7.08
CA ASP A 220 20.45 28.24 7.02
C ASP A 220 21.40 27.05 6.95
N GLY A 221 21.01 26.03 6.18
CA GLY A 221 21.88 24.87 5.96
C GLY A 221 21.86 23.80 7.03
N GLU A 222 21.03 23.96 8.05
CA GLU A 222 20.92 22.98 9.11
C GLU A 222 19.55 22.30 9.10
N ASP A 223 19.52 21.00 9.36
CA ASP A 223 18.27 20.26 9.39
C ASP A 223 17.21 20.90 10.29
N GLN A 224 16.00 20.97 9.75
CA GLN A 224 14.86 21.58 10.43
CA GLN A 224 14.87 21.58 10.41
C GLN A 224 13.69 20.60 10.43
N THR A 225 13.32 20.12 11.61
CA THR A 225 12.17 19.22 11.74
C THR A 225 11.02 19.87 12.53
N GLN A 226 11.37 20.77 13.45
CA GLN A 226 10.33 21.52 14.14
CA GLN A 226 10.33 21.51 14.14
CA GLN A 226 10.36 21.55 14.16
C GLN A 226 9.53 22.38 13.17
N ASP A 227 8.25 22.51 13.45
CA ASP A 227 7.35 23.30 12.64
C ASP A 227 7.21 22.76 11.21
N THR A 228 7.47 21.47 11.05
CA THR A 228 7.28 20.83 9.75
C THR A 228 6.17 19.82 9.80
N GLU A 229 5.58 19.55 8.64
CA GLU A 229 4.56 18.51 8.49
C GLU A 229 4.90 17.71 7.24
N LEU A 230 5.05 16.40 7.41
CA LEU A 230 5.39 15.48 6.32
C LEU A 230 4.22 14.52 6.11
N VAL A 231 3.55 14.56 4.97
CA VAL A 231 2.40 13.69 4.73
CA VAL A 231 2.40 13.67 4.77
C VAL A 231 2.84 12.33 4.27
N GLU A 232 1.98 11.33 4.47
CA GLU A 232 2.22 9.99 4.00
C GLU A 232 2.29 10.00 2.47
N THR A 233 3.25 9.29 1.93
CA THR A 233 3.31 9.06 0.49
C THR A 233 2.00 8.44 0.01
N ARG A 234 1.50 8.95 -1.10
CA ARG A 234 0.18 8.56 -1.60
C ARG A 234 0.25 8.19 -3.10
N PRO A 235 -0.62 7.27 -3.54
CA PRO A 235 -0.61 6.87 -4.95
C PRO A 235 -1.33 7.90 -5.82
N ALA A 236 -0.76 8.26 -6.95
CA ALA A 236 -1.46 9.16 -7.88
C ALA A 236 -2.65 8.49 -8.55
N GLY A 237 -2.53 7.19 -8.77
CA GLY A 237 -3.56 6.44 -9.46
C GLY A 237 -3.16 6.07 -10.88
N ASP A 238 -2.02 6.58 -11.36
CA ASP A 238 -1.47 6.24 -12.68
C ASP A 238 -0.19 5.40 -12.52
N GLY A 239 0.03 4.88 -11.33
CA GLY A 239 1.20 4.07 -11.04
C GLY A 239 2.35 4.81 -10.37
N THR A 240 2.29 6.15 -10.35
CA THR A 240 3.29 6.95 -9.68
C THR A 240 2.81 7.38 -8.30
N PHE A 241 3.66 8.09 -7.58
CA PHE A 241 3.44 8.46 -6.19
C PHE A 241 3.66 9.96 -6.00
N GLN A 242 3.12 10.46 -4.89
CA GLN A 242 3.17 11.89 -4.54
C GLN A 242 3.45 12.04 -3.05
N LYS A 243 4.09 13.14 -2.69
CA LYS A 243 4.36 13.44 -1.27
C LYS A 243 4.66 14.92 -1.17
N TRP A 244 4.43 15.50 0.01
CA TRP A 244 4.88 16.85 0.27
C TRP A 244 5.36 16.97 1.70
N VAL A 245 6.17 17.99 1.93
CA VAL A 245 6.59 18.38 3.27
C VAL A 245 6.48 19.90 3.39
N ALA A 246 5.94 20.37 4.50
CA ALA A 246 5.72 21.79 4.71
C ALA A 246 6.48 22.28 5.94
N VAL A 247 6.79 23.57 5.93
CA VAL A 247 7.42 24.24 7.08
C VAL A 247 6.76 25.58 7.30
N VAL A 248 6.58 25.96 8.55
CA VAL A 248 6.07 27.28 8.91
C VAL A 248 7.25 28.18 9.23
N VAL A 249 7.25 29.37 8.64
CA VAL A 249 8.38 30.29 8.75
C VAL A 249 7.92 31.71 9.02
N PRO A 250 8.80 32.52 9.62
CA PRO A 250 8.44 33.94 9.73
C PRO A 250 8.37 34.59 8.36
N SER A 251 7.27 35.28 8.11
CA SER A 251 7.07 35.96 6.84
CA SER A 251 7.07 35.96 6.84
C SER A 251 8.27 36.86 6.62
N GLY A 252 8.83 36.81 5.42
CA GLY A 252 10.01 37.58 5.08
C GLY A 252 11.33 36.84 5.22
N GLN A 253 11.31 35.67 5.86
CA GLN A 253 12.54 34.89 6.06
C GLN A 253 12.55 33.63 5.21
N GLU A 254 11.67 33.58 4.23
CA GLU A 254 11.57 32.42 3.33
C GLU A 254 12.90 32.01 2.72
N GLN A 255 13.78 32.97 2.47
CA GLN A 255 15.07 32.68 1.82
C GLN A 255 16.00 31.78 2.62
N ARG A 256 15.76 31.67 3.93
CA ARG A 256 16.64 30.85 4.75
C ARG A 256 16.39 29.38 4.56
N TYR A 257 15.26 29.05 3.95
CA TYR A 257 14.75 27.69 4.00
C TYR A 257 14.91 26.99 2.68
N THR A 258 15.41 25.77 2.73
CA THR A 258 15.60 24.99 1.51
C THR A 258 15.03 23.60 1.69
N CYS A 259 14.40 23.09 0.64
CA CYS A 259 13.88 21.75 0.61
CA CYS A 259 13.95 21.72 0.70
C CYS A 259 14.83 20.83 -0.15
N HIS A 260 15.01 19.63 0.37
CA HIS A 260 15.97 18.67 -0.17
C HIS A 260 15.28 17.37 -0.47
N VAL A 261 15.52 16.87 -1.67
CA VAL A 261 14.80 15.70 -2.19
C VAL A 261 15.79 14.62 -2.60
N GLN A 262 15.58 13.43 -2.06
CA GLN A 262 16.39 12.26 -2.42
C GLN A 262 15.48 11.17 -2.99
N HIS A 263 15.88 10.64 -4.14
CA HIS A 263 15.13 9.60 -4.80
C HIS A 263 16.07 8.83 -5.73
N GLU A 264 15.81 7.54 -5.93
CA GLU A 264 16.61 6.72 -6.84
C GLU A 264 16.72 7.28 -8.27
N GLY A 265 15.71 8.04 -8.71
CA GLY A 265 15.72 8.60 -10.06
C GLY A 265 16.50 9.89 -10.22
N LEU A 266 17.06 10.39 -9.12
CA LEU A 266 17.86 11.61 -9.13
C LEU A 266 19.31 11.24 -8.84
N PRO A 267 20.21 11.41 -9.81
N PRO A 267 20.18 11.31 -9.86
CA PRO A 267 21.62 11.08 -9.55
CA PRO A 267 21.59 11.00 -9.63
C PRO A 267 22.18 11.79 -8.31
C PRO A 267 22.36 12.16 -9.01
N LYS A 268 21.82 13.06 -8.12
N LYS A 268 21.75 13.34 -8.96
CA LYS A 268 22.23 13.81 -6.95
CA LYS A 268 22.37 14.49 -8.32
C LYS A 268 20.97 14.37 -6.30
C LYS A 268 21.46 15.14 -7.30
N PRO A 269 20.93 14.44 -4.96
N PRO A 269 22.04 15.90 -6.36
CA PRO A 269 19.76 15.05 -4.34
CA PRO A 269 21.26 16.55 -5.32
C PRO A 269 19.52 16.47 -4.86
C PRO A 269 20.18 17.44 -5.93
N LEU A 270 18.27 16.90 -4.85
N LEU A 270 19.02 17.48 -5.28
CA LEU A 270 17.87 18.18 -5.47
CA LEU A 270 17.93 18.34 -5.71
C LEU A 270 17.55 19.21 -4.39
C LEU A 270 17.49 19.20 -4.52
N THR A 271 17.67 20.50 -4.71
CA THR A 271 17.31 21.52 -3.73
C THR A 271 16.32 22.50 -4.37
N LEU A 272 15.35 22.93 -3.57
CA LEU A 272 14.42 23.95 -3.99
C LEU A 272 14.38 25.07 -2.97
N ARG A 273 14.12 26.26 -3.48
CA ARG A 273 14.01 27.46 -2.65
C ARG A 273 12.79 28.25 -3.10
N TRP A 274 12.24 29.06 -2.21
CA TRP A 274 11.16 29.98 -2.61
C TRP A 274 11.74 31.20 -3.30
N MET B 1 -10.91 -6.28 20.45
CA MET B 1 -10.83 -6.02 19.00
C MET B 1 -10.11 -4.70 18.73
N ILE B 2 -8.99 -4.75 18.02
CA ILE B 2 -8.29 -3.53 17.66
C ILE B 2 -9.08 -2.74 16.62
N GLN B 3 -9.10 -1.43 16.81
CA GLN B 3 -9.75 -0.54 15.88
C GLN B 3 -8.83 0.64 15.65
N ARG B 4 -8.58 0.94 14.38
CA ARG B 4 -7.66 2.01 13.99
C ARG B 4 -8.41 2.91 13.02
N THR B 5 -8.35 4.21 13.26
CA THR B 5 -9.17 5.12 12.48
CA THR B 5 -9.11 5.21 12.53
C THR B 5 -8.44 5.52 11.18
N PRO B 6 -9.21 5.70 10.10
CA PRO B 6 -8.53 6.03 8.84
C PRO B 6 -7.93 7.43 8.76
N LYS B 7 -6.74 7.51 8.16
CA LYS B 7 -6.19 8.78 7.68
C LYS B 7 -6.82 9.01 6.30
N ILE B 8 -6.97 10.27 5.92
CA ILE B 8 -7.66 10.63 4.69
C ILE B 8 -6.89 11.71 3.94
N GLN B 9 -6.64 11.51 2.66
CA GLN B 9 -6.15 12.57 1.78
C GLN B 9 -6.99 12.65 0.52
N VAL B 10 -7.35 13.87 0.11
CA VAL B 10 -8.16 14.11 -1.09
CA VAL B 10 -8.12 14.07 -1.11
C VAL B 10 -7.34 14.97 -2.05
N TYR B 11 -7.25 14.57 -3.31
CA TYR B 11 -6.31 15.23 -4.24
C TYR B 11 -6.56 14.73 -5.65
N SER B 12 -5.97 15.39 -6.64
CA SER B 12 -6.15 14.96 -8.02
C SER B 12 -4.96 14.10 -8.50
N ARG B 13 -5.24 13.22 -9.45
CA ARG B 13 -4.23 12.35 -10.05
C ARG B 13 -3.12 13.16 -10.75
N HIS B 14 -3.55 14.14 -11.53
CA HIS B 14 -2.65 15.00 -12.30
C HIS B 14 -2.81 16.43 -11.80
N PRO B 15 -1.84 17.30 -12.08
CA PRO B 15 -1.99 18.72 -11.69
C PRO B 15 -3.33 19.29 -12.18
N ALA B 16 -4.09 19.88 -11.27
CA ALA B 16 -5.45 20.29 -11.63
C ALA B 16 -5.51 21.58 -12.42
N GLU B 17 -6.17 21.52 -13.57
CA GLU B 17 -6.37 22.70 -14.41
C GLU B 17 -7.80 22.72 -14.92
N ASN B 18 -8.43 23.89 -14.85
CA ASN B 18 -9.81 23.98 -15.30
C ASN B 18 -9.98 23.54 -16.74
N GLY B 19 -11.03 22.76 -17.01
CA GLY B 19 -11.34 22.31 -18.36
C GLY B 19 -10.52 21.13 -18.86
N LYS B 20 -9.63 20.62 -18.01
CA LYS B 20 -8.77 19.50 -18.42
C LYS B 20 -9.12 18.23 -17.64
N SER B 21 -9.54 17.18 -18.34
CA SER B 21 -9.96 15.91 -17.76
CA SER B 21 -10.01 16.00 -17.64
C SER B 21 -8.92 15.39 -16.77
N ASN B 22 -9.36 14.81 -15.66
CA ASN B 22 -8.45 14.42 -14.59
C ASN B 22 -9.17 13.33 -13.76
N PHE B 23 -8.57 12.96 -12.63
CA PHE B 23 -9.22 12.06 -11.64
C PHE B 23 -9.13 12.69 -10.26
N LEU B 24 -10.22 12.61 -9.50
CA LEU B 24 -10.24 13.01 -8.11
C LEU B 24 -10.10 11.77 -7.27
N ASN B 25 -9.17 11.83 -6.32
CA ASN B 25 -8.79 10.72 -5.44
C ASN B 25 -9.14 10.96 -4.00
N CYS B 26 -9.60 9.91 -3.32
CA CYS B 26 -9.61 9.91 -1.86
C CYS B 26 -8.85 8.68 -1.40
N TYR B 27 -7.72 8.92 -0.74
CA TYR B 27 -6.84 7.85 -0.24
C TYR B 27 -7.09 7.68 1.24
N VAL B 28 -7.58 6.50 1.61
CA VAL B 28 -7.79 6.16 3.02
C VAL B 28 -6.81 5.11 3.45
N SER B 29 -6.18 5.31 4.60
CA SER B 29 -5.13 4.40 5.03
C SER B 29 -5.08 4.33 6.53
N GLY B 30 -4.35 3.35 7.05
CA GLY B 30 -4.07 3.23 8.47
C GLY B 30 -5.24 2.69 9.27
N PHE B 31 -6.22 2.06 8.61
CA PHE B 31 -7.45 1.67 9.29
C PHE B 31 -7.60 0.17 9.53
N HIS B 32 -8.42 -0.17 10.52
CA HIS B 32 -8.73 -1.57 10.82
C HIS B 32 -9.99 -1.53 11.70
N PRO B 33 -10.98 -2.40 11.43
CA PRO B 33 -11.07 -3.42 10.40
C PRO B 33 -11.29 -2.84 9.01
N SER B 34 -11.42 -3.70 8.02
CA SER B 34 -11.39 -3.30 6.61
C SER B 34 -12.67 -2.67 6.08
N ASP B 35 -13.79 -2.93 6.74
CA ASP B 35 -15.05 -2.35 6.29
C ASP B 35 -15.00 -0.83 6.40
N ILE B 36 -15.30 -0.15 5.31
CA ILE B 36 -15.21 1.31 5.30
C ILE B 36 -16.14 1.85 4.22
N GLU B 37 -16.72 3.03 4.46
CA GLU B 37 -17.60 3.68 3.48
C GLU B 37 -16.93 4.95 3.00
N VAL B 38 -16.73 5.08 1.71
CA VAL B 38 -16.08 6.25 1.15
C VAL B 38 -16.90 6.77 -0.02
N ASP B 39 -17.31 8.04 0.09
CA ASP B 39 -17.99 8.71 -1.02
C ASP B 39 -17.19 9.94 -1.46
N LEU B 40 -17.24 10.21 -2.76
CA LEU B 40 -16.71 11.45 -3.30
C LEU B 40 -17.91 12.35 -3.54
N LEU B 41 -17.78 13.61 -3.18
CA LEU B 41 -18.87 14.58 -3.28
C LEU B 41 -18.54 15.69 -4.27
N LYS B 42 -19.55 16.09 -5.05
CA LYS B 42 -19.45 17.27 -5.91
C LYS B 42 -20.54 18.24 -5.44
N ASN B 43 -20.12 19.40 -4.97
CA ASN B 43 -21.06 20.41 -4.46
C ASN B 43 -21.99 19.81 -3.40
N GLY B 44 -21.43 18.92 -2.60
CA GLY B 44 -22.13 18.32 -1.47
C GLY B 44 -22.89 17.04 -1.78
N GLU B 45 -22.98 16.71 -3.07
CA GLU B 45 -23.77 15.56 -3.53
C GLU B 45 -22.90 14.36 -3.92
N ARG B 46 -23.34 13.17 -3.54
CA ARG B 46 -22.56 11.96 -3.80
C ARG B 46 -22.40 11.73 -5.30
N ILE B 47 -21.16 11.49 -5.72
CA ILE B 47 -20.84 11.11 -7.10
C ILE B 47 -21.09 9.62 -7.27
N GLU B 48 -21.79 9.25 -8.34
CA GLU B 48 -22.21 7.87 -8.53
C GLU B 48 -21.14 6.94 -9.10
N LYS B 49 -20.35 7.43 -10.05
CA LYS B 49 -19.37 6.57 -10.70
C LYS B 49 -18.03 6.68 -9.99
N VAL B 50 -17.87 5.92 -8.91
CA VAL B 50 -16.62 5.92 -8.16
C VAL B 50 -16.07 4.51 -8.06
N GLU B 51 -14.80 4.35 -8.41
CA GLU B 51 -14.11 3.07 -8.37
CA GLU B 51 -14.13 3.06 -8.35
C GLU B 51 -13.10 3.05 -7.24
N HIS B 52 -12.61 1.87 -6.88
CA HIS B 52 -11.57 1.82 -5.88
C HIS B 52 -10.58 0.69 -6.15
N SER B 53 -9.41 0.83 -5.55
CA SER B 53 -8.35 -0.16 -5.65
CA SER B 53 -8.37 -0.18 -5.70
C SER B 53 -8.68 -1.45 -4.91
N ASP B 54 -7.88 -2.49 -5.16
CA ASP B 54 -8.02 -3.74 -4.41
C ASP B 54 -7.43 -3.58 -3.02
N LEU B 55 -8.19 -4.00 -2.02
CA LEU B 55 -7.76 -3.94 -0.64
C LEU B 55 -6.38 -4.54 -0.42
N SER B 56 -5.50 -3.77 0.22
CA SER B 56 -4.18 -4.23 0.60
C SER B 56 -3.86 -3.61 1.93
N PHE B 57 -2.67 -3.89 2.44
CA PHE B 57 -2.32 -3.46 3.77
C PHE B 57 -0.82 -3.24 3.91
N SER B 58 -0.47 -2.45 4.91
CA SER B 58 0.89 -2.06 5.19
CA SER B 58 0.91 -2.10 5.15
C SER B 58 1.56 -3.06 6.13
N LYS B 59 2.84 -2.83 6.42
CA LYS B 59 3.62 -3.73 7.27
C LYS B 59 2.96 -3.93 8.63
N ASP B 60 2.34 -2.86 9.14
CA ASP B 60 1.70 -2.88 10.46
C ASP B 60 0.29 -3.44 10.45
N TRP B 61 -0.09 -4.03 9.30
CA TRP B 61 -1.39 -4.68 9.10
C TRP B 61 -2.55 -3.74 8.79
N SER B 62 -2.34 -2.41 8.85
CA SER B 62 -3.45 -1.51 8.59
C SER B 62 -3.76 -1.45 7.10
N PHE B 63 -5.03 -1.29 6.80
CA PHE B 63 -5.49 -1.34 5.42
C PHE B 63 -5.38 0.02 4.71
N TYR B 64 -5.34 -0.02 3.37
CA TYR B 64 -5.41 1.20 2.58
C TYR B 64 -6.19 0.92 1.30
N LEU B 65 -6.86 1.97 0.81
CA LEU B 65 -7.63 1.95 -0.42
C LEU B 65 -7.55 3.31 -1.08
N LEU B 66 -7.54 3.31 -2.41
CA LEU B 66 -7.69 4.50 -3.21
C LEU B 66 -9.06 4.49 -3.87
N TYR B 67 -9.87 5.52 -3.64
CA TYR B 67 -11.15 5.71 -4.33
C TYR B 67 -10.94 6.82 -5.33
N TYR B 68 -11.54 6.71 -6.51
CA TYR B 68 -11.26 7.67 -7.56
C TYR B 68 -12.38 7.78 -8.58
N THR B 69 -12.50 8.97 -9.17
CA THR B 69 -13.51 9.21 -10.19
C THR B 69 -13.02 10.22 -11.19
N GLU B 70 -13.46 10.07 -12.43
CA GLU B 70 -13.06 10.98 -13.49
C GLU B 70 -13.80 12.29 -13.34
N PHE B 71 -13.09 13.41 -13.48
CA PHE B 71 -13.71 14.73 -13.37
C PHE B 71 -12.93 15.76 -14.15
N THR B 72 -13.62 16.83 -14.53
CA THR B 72 -12.98 17.97 -15.15
C THR B 72 -13.16 19.16 -14.22
N PRO B 73 -12.07 19.62 -13.59
CA PRO B 73 -12.21 20.72 -12.65
C PRO B 73 -12.75 21.97 -13.31
N THR B 74 -13.49 22.77 -12.54
CA THR B 74 -13.89 24.10 -12.96
C THR B 74 -13.57 25.05 -11.80
N GLU B 75 -13.71 26.35 -12.04
CA GLU B 75 -13.49 27.32 -10.99
C GLU B 75 -14.51 27.18 -9.86
N LYS B 76 -15.76 26.86 -10.19
CA LYS B 76 -16.84 26.98 -9.22
C LYS B 76 -17.15 25.70 -8.42
N ASP B 77 -16.87 24.54 -9.01
CA ASP B 77 -17.26 23.27 -8.40
C ASP B 77 -16.39 22.92 -7.19
N GLU B 78 -17.05 22.48 -6.13
CA GLU B 78 -16.37 22.10 -4.89
CA GLU B 78 -16.35 22.09 -4.92
C GLU B 78 -16.40 20.59 -4.73
N TYR B 79 -15.26 20.00 -4.36
CA TYR B 79 -15.20 18.55 -4.21
C TYR B 79 -14.75 18.18 -2.81
N ALA B 80 -15.15 17.00 -2.36
CA ALA B 80 -14.80 16.53 -1.03
C ALA B 80 -14.88 15.02 -0.97
N CYS B 81 -14.38 14.45 0.11
CA CYS B 81 -14.49 13.01 0.36
CA CYS B 81 -14.54 13.02 0.35
C CYS B 81 -15.18 12.84 1.71
N ARG B 82 -16.11 11.89 1.79
CA ARG B 82 -16.82 11.62 3.03
C ARG B 82 -16.60 10.18 3.42
N VAL B 83 -16.10 9.98 4.63
CA VAL B 83 -15.67 8.66 5.08
C VAL B 83 -16.38 8.28 6.36
N ASN B 84 -16.90 7.06 6.40
CA ASN B 84 -17.38 6.51 7.66
C ASN B 84 -16.69 5.17 7.93
N HIS B 85 -16.51 4.88 9.22
CA HIS B 85 -15.80 3.69 9.66
C HIS B 85 -16.27 3.44 11.08
N VAL B 86 -16.09 2.22 11.59
CA VAL B 86 -16.59 1.91 12.94
C VAL B 86 -15.96 2.82 14.00
N THR B 87 -14.75 3.30 13.74
CA THR B 87 -14.04 4.17 14.68
C THR B 87 -14.55 5.61 14.70
N LEU B 88 -15.42 5.96 13.75
CA LEU B 88 -15.90 7.34 13.63
C LEU B 88 -17.34 7.45 14.09
N SER B 89 -17.60 8.33 15.07
CA SER B 89 -18.96 8.47 15.58
CA SER B 89 -18.95 8.50 15.59
C SER B 89 -19.85 9.13 14.54
N GLN B 90 -19.27 10.07 13.77
CA GLN B 90 -19.95 10.62 12.62
CA GLN B 90 -19.93 10.69 12.64
C GLN B 90 -19.02 10.63 11.41
N PRO B 91 -19.60 10.64 10.20
CA PRO B 91 -18.79 10.68 8.99
C PRO B 91 -17.86 11.88 8.99
N LYS B 92 -16.66 11.67 8.45
CA LYS B 92 -15.65 12.70 8.36
C LYS B 92 -15.61 13.22 6.93
N ILE B 93 -15.63 14.53 6.77
CA ILE B 93 -15.57 15.16 5.45
C ILE B 93 -14.27 15.92 5.29
N VAL B 94 -13.55 15.63 4.22
CA VAL B 94 -12.32 16.34 3.91
C VAL B 94 -12.50 16.99 2.54
N LYS B 95 -12.34 18.32 2.49
CA LYS B 95 -12.51 19.08 1.25
C LYS B 95 -11.26 19.00 0.39
N TRP B 96 -11.45 18.92 -0.91
CA TRP B 96 -10.36 19.04 -1.87
C TRP B 96 -9.86 20.48 -1.90
N ASP B 97 -8.56 20.66 -1.71
CA ASP B 97 -7.94 21.98 -1.76
C ASP B 97 -6.84 21.97 -2.82
N ARG B 98 -7.13 22.51 -4.00
CA ARG B 98 -6.20 22.43 -5.13
C ARG B 98 -4.99 23.34 -4.95
N ASP B 99 -5.12 24.33 -4.06
CA ASP B 99 -4.05 25.31 -3.85
C ASP B 99 -3.01 24.88 -2.82
N MET B 100 -3.23 23.72 -2.20
CA MET B 100 -2.27 23.15 -1.25
CA MET B 100 -2.28 23.17 -1.24
CA MET B 100 -2.26 23.18 -1.25
C MET B 100 -0.87 23.14 -1.86
N CYS C 1 4.70 -15.26 -9.05
CA CYS C 1 4.14 -16.63 -8.98
C CYS C 1 3.93 -17.02 -7.51
N ILE C 2 2.69 -17.35 -7.14
CA ILE C 2 2.34 -17.63 -5.73
C ILE C 2 2.81 -18.99 -5.23
N ASN C 3 2.93 -19.16 -3.91
CA ASN C 3 3.36 -20.44 -3.35
C ASN C 3 2.31 -21.53 -3.60
N GLY C 4 2.77 -22.76 -3.87
CA GLY C 4 1.90 -23.87 -4.23
C GLY C 4 1.22 -24.58 -3.06
N VAL C 5 1.60 -24.20 -1.84
CA VAL C 5 0.89 -24.68 -0.66
C VAL C 5 0.57 -23.49 0.23
N CYS C 6 -0.56 -23.54 0.92
CA CYS C 6 -0.91 -22.54 1.93
C CYS C 6 -1.25 -23.23 3.24
N TRP C 7 -0.42 -23.00 4.23
CA TRP C 7 -0.44 -23.76 5.45
C TRP C 7 -1.50 -23.29 6.46
N THR C 8 -2.39 -24.19 6.91
CA THR C 8 -3.43 -23.84 7.94
C THR C 8 -2.87 -23.76 9.36
N VAL C 9 -3.42 -22.85 10.17
CA VAL C 9 -2.92 -22.57 11.53
C VAL C 9 -3.36 -23.60 12.57
#